data_5ZYG
#
_entry.id   5ZYG
#
_cell.length_a   59.770
_cell.length_b   59.770
_cell.length_c   154.450
_cell.angle_alpha   90.000
_cell.angle_beta   90.000
_cell.angle_gamma   90.000
#
_symmetry.space_group_name_H-M   'P 41 21 2'
#
loop_
_entity.id
_entity.type
_entity.pdbx_description
1 polymer 'LIPID-TRANSFER PROTEIN CERT'
2 non-polymer 2-[4-[3-~{tert}-butyl-5-(2-pyridin-2-ylethyl)phenyl]phenyl]sulfonylethanol
3 water water
#
_entity_poly.entity_id   1
_entity_poly.type   'polypeptide(L)'
_entity_poly.pdbx_seq_one_letter_code
;GPTHRFVQKVEEMVQNHMTYSLQDVGGDANWQLVVEEGEMKVYRREVEENGIVLDPLKATHAVKGVTGHEVCNYFWNVDV
RNDWETTIENFHVVETLADNAIIIYQTHKRVWPASQRDVLYLSVIRKIPALTENDPETWIVCNFSVDHDSAPLNNRCVRA
KINVAMICQTLVSPPEGNQEISRDNILCKITYVANVNPGGWAPASVLRAVAKREYPKFLKRFTSYVQEKTAGKPILF
;
_entity_poly.pdbx_strand_id   A
#
loop_
_chem_comp.id
_chem_comp.type
_chem_comp.name
_chem_comp.formula
9N3 non-polymer 2-[4-[3-~{tert}-butyl-5-(2-pyridin-2-ylethyl)phenyl]phenyl]sulfonylethanol 'C25 H29 N O3 S'
#
# COMPACT_ATOMS: atom_id res chain seq x y z
N THR A 3 21.08 7.61 -9.81
CA THR A 3 20.48 6.50 -10.56
C THR A 3 20.81 5.20 -9.84
N HIS A 4 20.04 4.16 -10.15
CA HIS A 4 20.26 2.82 -9.64
C HIS A 4 19.67 1.86 -10.66
N ARG A 5 19.90 0.55 -10.50
CA ARG A 5 19.62 -0.40 -11.56
C ARG A 5 18.13 -0.68 -11.70
N PHE A 6 17.30 -0.13 -10.81
CA PHE A 6 15.88 -0.45 -10.87
C PHE A 6 15.06 0.76 -11.31
N VAL A 7 15.70 1.81 -11.85
CA VAL A 7 15.00 3.04 -12.13
C VAL A 7 13.91 2.79 -13.17
N GLN A 8 14.23 1.98 -14.18
CA GLN A 8 13.27 1.73 -15.23
C GLN A 8 12.11 0.84 -14.74
N LYS A 9 12.46 -0.17 -13.96
CA LYS A 9 11.49 -1.08 -13.38
C LYS A 9 10.50 -0.29 -12.49
N VAL A 10 11.05 0.63 -11.69
CA VAL A 10 10.20 1.42 -10.79
C VAL A 10 9.27 2.28 -11.63
N GLU A 11 9.81 2.88 -12.71
CA GLU A 11 8.97 3.66 -13.59
C GLU A 11 7.82 2.81 -14.15
N GLU A 12 8.09 1.58 -14.60
CA GLU A 12 7.03 0.79 -15.21
C GLU A 12 5.98 0.42 -14.17
N MET A 13 6.43 0.05 -12.98
CA MET A 13 5.46 -0.42 -11.99
C MET A 13 4.57 0.75 -11.56
N VAL A 14 5.17 1.93 -11.35
CA VAL A 14 4.42 3.09 -10.95
C VAL A 14 3.46 3.48 -12.06
N GLN A 15 3.94 3.49 -13.31
CA GLN A 15 3.06 3.92 -14.40
C GLN A 15 1.90 2.95 -14.59
N ASN A 16 2.15 1.66 -14.34
CA ASN A 16 1.10 0.66 -14.45
C ASN A 16 -0.02 0.94 -13.44
N HIS A 17 0.36 1.27 -12.21
CA HIS A 17 -0.62 1.68 -11.21
C HIS A 17 -1.35 2.95 -11.63
N MET A 18 -0.61 3.95 -12.16
CA MET A 18 -1.28 5.18 -12.53
C MET A 18 -2.27 4.93 -13.67
N THR A 19 -1.95 3.98 -14.55
CA THR A 19 -2.85 3.71 -15.67
C THR A 19 -4.04 2.85 -15.28
N TYR A 20 -3.82 1.81 -14.48
CA TYR A 20 -4.84 0.81 -14.30
C TYR A 20 -5.46 0.87 -12.92
N SER A 21 -4.66 1.17 -11.89
CA SER A 21 -5.17 0.98 -10.54
C SER A 21 -6.14 2.09 -10.13
N LEU A 22 -6.03 3.25 -10.77
CA LEU A 22 -6.87 4.38 -10.37
C LEU A 22 -8.23 4.35 -11.02
N GLN A 23 -8.46 3.46 -11.99
CA GLN A 23 -9.79 3.41 -12.60
C GLN A 23 -10.88 3.16 -11.54
N ASP A 24 -12.06 3.75 -11.78
CA ASP A 24 -13.22 3.47 -10.95
C ASP A 24 -13.60 2.01 -11.17
N VAL A 25 -14.16 1.35 -10.15
CA VAL A 25 -14.42 -0.08 -10.33
C VAL A 25 -15.59 -0.36 -11.28
N GLY A 26 -16.40 0.70 -11.54
CA GLY A 26 -17.77 0.59 -12.04
C GLY A 26 -18.08 -0.73 -12.72
N ALA A 29 -18.85 -4.58 -12.30
CA ALA A 29 -19.35 -5.87 -11.76
C ALA A 29 -18.22 -6.91 -11.73
N ASN A 30 -17.08 -6.62 -12.38
CA ASN A 30 -15.97 -7.56 -12.31
C ASN A 30 -15.23 -7.47 -10.97
N TRP A 31 -15.41 -6.32 -10.27
CA TRP A 31 -14.94 -6.23 -8.90
C TRP A 31 -16.09 -6.53 -7.96
N GLN A 32 -15.88 -7.43 -7.01
CA GLN A 32 -16.92 -7.67 -6.03
C GLN A 32 -16.65 -6.76 -4.85
N LEU A 33 -17.67 -5.99 -4.48
CA LEU A 33 -17.56 -5.23 -3.26
C LEU A 33 -17.70 -6.17 -2.07
N VAL A 34 -16.64 -6.34 -1.26
CA VAL A 34 -16.74 -7.37 -0.25
C VAL A 34 -17.04 -6.78 1.12
N VAL A 35 -16.48 -5.60 1.41
CA VAL A 35 -16.65 -4.99 2.71
C VAL A 35 -16.85 -3.49 2.51
N GLU A 36 -17.86 -2.93 3.19
CA GLU A 36 -18.01 -1.47 3.18
C GLU A 36 -18.13 -1.00 4.62
N GLU A 37 -17.31 0.00 4.98
CA GLU A 37 -17.37 0.59 6.31
C GLU A 37 -17.21 2.11 6.15
N GLY A 38 -18.34 2.80 6.02
CA GLY A 38 -18.32 4.24 5.76
C GLY A 38 -17.81 4.56 4.35
N GLU A 39 -16.76 5.41 4.30
CA GLU A 39 -16.19 5.78 3.01
C GLU A 39 -15.18 4.73 2.58
N MET A 40 -14.93 3.72 3.43
CA MET A 40 -13.98 2.66 3.04
C MET A 40 -14.71 1.55 2.28
N LYS A 41 -14.30 1.32 1.04
CA LYS A 41 -14.89 0.29 0.20
C LYS A 41 -13.76 -0.66 -0.22
N VAL A 42 -13.93 -1.96 0.12
CA VAL A 42 -12.94 -3.00 -0.19
C VAL A 42 -13.54 -3.98 -1.20
N TYR A 43 -12.85 -4.12 -2.33
CA TYR A 43 -13.31 -4.96 -3.41
C TYR A 43 -12.26 -6.04 -3.69
N ARG A 44 -12.71 -7.14 -4.30
CA ARG A 44 -11.74 -8.13 -4.75
C ARG A 44 -12.25 -8.87 -5.98
N ARG A 45 -11.33 -9.53 -6.70
CA ARG A 45 -11.69 -10.50 -7.73
C ARG A 45 -11.20 -11.86 -7.25
N GLU A 46 -11.99 -12.93 -7.45
CA GLU A 46 -11.47 -14.23 -7.03
C GLU A 46 -10.67 -14.81 -8.20
N VAL A 47 -9.40 -15.09 -7.97
CA VAL A 47 -8.53 -15.54 -9.03
C VAL A 47 -7.68 -16.63 -8.41
N GLU A 48 -7.53 -17.79 -9.09
CA GLU A 48 -6.55 -18.76 -8.64
C GLU A 48 -5.68 -19.12 -9.86
N GLU A 49 -4.40 -19.38 -9.63
CA GLU A 49 -3.52 -19.76 -10.69
C GLU A 49 -2.75 -21.01 -10.25
N ASN A 50 -2.70 -21.98 -11.15
CA ASN A 50 -2.02 -23.25 -10.87
C ASN A 50 -2.36 -23.63 -9.44
N GLY A 51 -3.63 -23.47 -9.04
CA GLY A 51 -4.21 -23.99 -7.81
C GLY A 51 -4.29 -23.02 -6.60
N ILE A 52 -3.67 -21.85 -6.68
CA ILE A 52 -3.41 -21.04 -5.49
C ILE A 52 -4.09 -19.69 -5.61
N VAL A 53 -4.69 -19.21 -4.50
CA VAL A 53 -5.43 -17.97 -4.50
C VAL A 53 -4.53 -16.77 -4.77
N LEU A 54 -4.87 -15.94 -5.78
CA LEU A 54 -4.15 -14.70 -6.05
C LEU A 54 -5.01 -13.46 -5.76
N ASP A 55 -6.32 -13.64 -5.64
CA ASP A 55 -7.34 -12.60 -5.50
C ASP A 55 -6.80 -11.17 -5.46
N PRO A 56 -6.81 -10.43 -6.57
CA PRO A 56 -6.53 -9.00 -6.53
C PRO A 56 -7.45 -8.27 -5.55
N LEU A 57 -6.87 -7.38 -4.73
CA LEU A 57 -7.66 -6.62 -3.77
C LEU A 57 -7.52 -5.15 -4.15
N LYS A 58 -8.62 -4.40 -4.12
CA LYS A 58 -8.54 -2.97 -4.36
C LYS A 58 -9.47 -2.28 -3.37
N ALA A 59 -9.00 -1.19 -2.73
CA ALA A 59 -9.84 -0.50 -1.75
C ALA A 59 -9.79 0.99 -2.02
N THR A 60 -10.93 1.68 -1.86
CA THR A 60 -10.90 3.13 -1.79
C THR A 60 -11.25 3.61 -0.39
N HIS A 61 -10.74 4.78 -0.03
CA HIS A 61 -11.08 5.35 1.24
C HIS A 61 -10.91 6.86 1.14
N ALA A 62 -11.49 7.58 2.10
CA ALA A 62 -11.38 9.03 2.05
C ALA A 62 -11.13 9.45 3.48
N VAL A 63 -9.98 10.08 3.74
CA VAL A 63 -9.52 10.30 5.09
C VAL A 63 -9.41 11.80 5.36
N LYS A 64 -10.17 12.30 6.34
CA LYS A 64 -10.17 13.73 6.60
C LYS A 64 -8.89 14.15 7.33
N GLY A 65 -8.35 15.33 6.95
CA GLY A 65 -7.37 16.05 7.76
C GLY A 65 -5.91 15.58 7.65
N VAL A 66 -5.63 14.74 6.64
CA VAL A 66 -4.28 14.34 6.32
C VAL A 66 -4.06 14.54 4.81
N THR A 67 -2.82 14.69 4.39
CA THR A 67 -2.53 14.80 2.96
C THR A 67 -1.98 13.50 2.44
N GLY A 68 -2.01 13.37 1.11
CA GLY A 68 -1.43 12.20 0.46
C GLY A 68 0.06 12.08 0.75
N HIS A 69 0.75 13.22 0.75
CA HIS A 69 2.17 13.18 1.08
C HIS A 69 2.39 12.58 2.48
N GLU A 70 1.53 12.95 3.45
CA GLU A 70 1.69 12.44 4.81
C GLU A 70 1.39 10.94 4.88
N VAL A 71 0.26 10.54 4.30
CA VAL A 71 -0.12 9.12 4.31
C VAL A 71 1.02 8.28 3.71
N CYS A 72 1.57 8.76 2.57
CA CYS A 72 2.58 7.97 1.88
C CYS A 72 3.86 7.96 2.70
N ASN A 73 4.21 9.08 3.35
CA ASN A 73 5.41 9.08 4.17
C ASN A 73 5.26 8.08 5.31
N TYR A 74 4.10 8.05 5.97
CA TYR A 74 3.91 7.11 7.08
C TYR A 74 3.93 5.66 6.60
N PHE A 75 3.43 5.42 5.39
CA PHE A 75 3.35 4.06 4.87
C PHE A 75 4.73 3.56 4.47
N TRP A 76 5.58 4.47 3.98
CA TRP A 76 6.86 4.10 3.41
C TRP A 76 7.94 4.02 4.48
N ASN A 77 7.85 4.91 5.47
CA ASN A 77 9.02 5.19 6.33
C ASN A 77 9.24 4.04 7.30
N VAL A 78 10.32 3.27 7.11
CA VAL A 78 10.50 2.06 7.93
C VAL A 78 10.63 2.41 9.43
N ASP A 79 10.96 3.66 9.76
CA ASP A 79 11.19 4.00 11.16
C ASP A 79 9.90 4.00 11.97
N VAL A 80 8.74 4.00 11.29
CA VAL A 80 7.52 3.98 12.07
C VAL A 80 6.74 2.69 11.77
N ARG A 81 7.35 1.81 10.97
CA ARG A 81 6.65 0.63 10.51
C ARG A 81 6.03 -0.12 11.68
N ASN A 82 6.81 -0.35 12.74
CA ASN A 82 6.30 -1.14 13.87
C ASN A 82 5.20 -0.39 14.64
N ASP A 83 4.99 0.89 14.38
CA ASP A 83 3.93 1.52 15.16
C ASP A 83 2.55 1.19 14.64
N TRP A 84 2.41 0.67 13.41
CA TRP A 84 1.07 0.47 12.89
C TRP A 84 0.93 -0.94 12.29
N GLU A 85 2.06 -1.53 11.87
CA GLU A 85 2.05 -2.78 11.16
C GLU A 85 1.78 -3.89 12.18
N THR A 86 0.85 -4.80 11.88
CA THR A 86 0.57 -5.88 12.81
C THR A 86 0.73 -7.24 12.13
N THR A 87 1.28 -7.33 10.92
CA THR A 87 1.32 -8.66 10.31
C THR A 87 2.74 -9.21 10.23
N ILE A 88 3.75 -8.39 10.57
CA ILE A 88 5.16 -8.72 10.33
C ILE A 88 5.75 -9.32 11.59
N GLU A 89 6.63 -10.30 11.45
CA GLU A 89 7.44 -10.72 12.59
C GLU A 89 8.76 -9.96 12.67
N ASN A 90 9.47 -9.78 11.55
CA ASN A 90 10.77 -9.12 11.52
C ASN A 90 10.89 -8.47 10.14
N PHE A 91 11.54 -7.31 10.04
CA PHE A 91 11.96 -6.87 8.70
C PHE A 91 13.41 -6.41 8.79
N HIS A 92 14.09 -6.43 7.64
CA HIS A 92 15.46 -5.98 7.52
C HIS A 92 15.57 -5.20 6.21
N VAL A 93 16.21 -4.01 6.26
CA VAL A 93 16.47 -3.27 5.04
C VAL A 93 17.69 -3.90 4.36
N VAL A 94 17.52 -4.49 3.17
CA VAL A 94 18.57 -5.25 2.50
C VAL A 94 19.51 -4.29 1.76
N GLU A 95 18.95 -3.25 1.16
CA GLU A 95 19.73 -2.32 0.34
C GLU A 95 19.01 -0.97 0.24
N THR A 96 19.76 0.14 0.28
CA THR A 96 19.16 1.42 -0.01
C THR A 96 19.53 1.86 -1.42
N LEU A 97 18.55 2.18 -2.27
CA LEU A 97 18.83 2.51 -3.65
C LEU A 97 18.87 4.03 -3.86
N ALA A 98 18.02 4.75 -3.14
CA ALA A 98 17.89 6.19 -3.28
C ALA A 98 17.22 6.67 -2.01
N ASP A 99 17.16 7.99 -1.82
CA ASP A 99 16.47 8.57 -0.68
C ASP A 99 14.98 8.21 -0.75
N ASN A 100 14.51 7.67 -1.88
CA ASN A 100 13.10 7.33 -1.91
C ASN A 100 12.85 5.86 -2.23
N ALA A 101 13.88 5.02 -2.19
CA ALA A 101 13.70 3.65 -2.63
C ALA A 101 14.66 2.74 -1.88
N ILE A 102 14.11 1.69 -1.23
CA ILE A 102 14.88 0.69 -0.52
C ILE A 102 14.37 -0.72 -0.91
N ILE A 103 15.16 -1.74 -0.56
CA ILE A 103 14.73 -3.11 -0.70
C ILE A 103 14.65 -3.69 0.71
N ILE A 104 13.50 -4.32 1.03
CA ILE A 104 13.19 -4.83 2.36
C ILE A 104 12.99 -6.35 2.28
N TYR A 105 13.52 -7.09 3.28
CA TYR A 105 13.13 -8.46 3.54
C TYR A 105 12.27 -8.51 4.80
N GLN A 106 11.17 -9.28 4.79
CA GLN A 106 10.35 -9.37 5.99
C GLN A 106 9.72 -10.77 6.04
N THR A 107 9.47 -11.21 7.27
CA THR A 107 8.72 -12.41 7.60
C THR A 107 7.40 -12.00 8.21
N HIS A 108 6.33 -12.71 7.83
CA HIS A 108 5.00 -12.46 8.32
C HIS A 108 4.65 -13.49 9.39
N LYS A 109 3.72 -13.08 10.25
CA LYS A 109 3.00 -13.98 11.12
C LYS A 109 2.35 -15.10 10.31
N ARG A 110 2.40 -16.33 10.83
CA ARG A 110 1.92 -17.48 10.07
C ARG A 110 0.38 -17.40 9.95
N VAL A 111 -0.17 -17.80 8.80
CA VAL A 111 -1.63 -17.89 8.65
C VAL A 111 -1.95 -19.39 8.66
N TRP A 112 -2.35 -19.95 9.82
CA TRP A 112 -2.60 -21.37 9.97
C TRP A 112 -3.66 -21.80 8.95
N PRO A 113 -3.50 -22.97 8.30
CA PRO A 113 -2.47 -23.97 8.55
C PRO A 113 -1.32 -23.91 7.54
N ALA A 114 -1.24 -22.84 6.75
CA ALA A 114 -0.18 -22.68 5.74
C ALA A 114 1.17 -22.40 6.42
N SER A 115 2.26 -22.69 5.70
CA SER A 115 3.60 -22.32 6.16
C SER A 115 3.68 -20.80 6.36
N GLN A 116 4.61 -20.38 7.22
CA GLN A 116 4.98 -18.97 7.33
C GLN A 116 5.49 -18.50 5.98
N ARG A 117 5.24 -17.22 5.66
CA ARG A 117 5.77 -16.66 4.42
C ARG A 117 6.82 -15.58 4.76
N ASP A 118 7.73 -15.36 3.79
CA ASP A 118 8.61 -14.20 3.76
C ASP A 118 8.45 -13.49 2.41
N VAL A 119 9.01 -12.28 2.28
CA VAL A 119 8.81 -11.45 1.11
C VAL A 119 10.06 -10.57 0.96
N LEU A 120 10.42 -10.21 -0.26
CA LEU A 120 11.62 -9.43 -0.54
C LEU A 120 11.20 -8.47 -1.62
N TYR A 121 11.13 -7.17 -1.28
CA TYR A 121 10.49 -6.28 -2.21
C TYR A 121 11.21 -4.94 -2.24
N LEU A 122 11.03 -4.24 -3.36
CA LEU A 122 11.44 -2.87 -3.43
C LEU A 122 10.27 -2.01 -3.00
N SER A 123 10.55 -1.00 -2.17
CA SER A 123 9.55 -0.08 -1.65
C SER A 123 9.98 1.32 -2.11
N VAL A 124 9.12 1.96 -2.88
CA VAL A 124 9.45 3.28 -3.41
C VAL A 124 8.32 4.29 -3.17
N ILE A 125 8.69 5.55 -2.85
CA ILE A 125 7.72 6.63 -2.71
C ILE A 125 7.98 7.69 -3.79
N ARG A 126 6.93 8.10 -4.52
CA ARG A 126 7.08 9.03 -5.63
C ARG A 126 5.91 10.01 -5.65
N LYS A 127 6.19 11.24 -6.10
CA LYS A 127 5.13 12.19 -6.41
C LYS A 127 4.96 12.22 -7.93
N ILE A 128 3.72 12.05 -8.39
CA ILE A 128 3.48 12.03 -9.83
C ILE A 128 2.74 13.32 -10.15
N PRO A 129 3.31 14.18 -11.02
CA PRO A 129 2.67 15.45 -11.39
C PRO A 129 1.30 15.28 -12.03
N ALA A 130 0.42 16.27 -11.87
CA ALA A 130 -0.92 16.26 -12.46
C ALA A 130 -0.84 16.01 -13.96
N LEU A 131 -1.70 15.11 -14.46
CA LEU A 131 -1.59 14.69 -15.85
C LEU A 131 -1.83 15.90 -16.77
N THR A 132 -2.84 16.72 -16.42
CA THR A 132 -3.08 18.02 -17.04
C THR A 132 -3.33 19.04 -15.94
N GLU A 133 -3.22 20.33 -16.28
CA GLU A 133 -3.30 21.37 -15.27
C GLU A 133 -4.59 21.23 -14.44
N ASN A 134 -5.46 20.28 -14.83
CA ASN A 134 -6.79 20.15 -14.26
C ASN A 134 -6.92 18.98 -13.29
N ASP A 135 -5.89 18.13 -13.19
CA ASP A 135 -5.96 16.93 -12.37
C ASP A 135 -5.22 17.15 -11.06
N PRO A 136 -5.46 16.34 -10.02
CA PRO A 136 -4.66 16.43 -8.81
C PRO A 136 -3.27 15.81 -8.99
N GLU A 137 -2.28 16.26 -8.23
CA GLU A 137 -1.03 15.51 -8.21
C GLU A 137 -1.28 14.26 -7.37
N THR A 138 -0.40 13.26 -7.51
CA THR A 138 -0.61 11.98 -6.84
C THR A 138 0.67 11.67 -6.06
N TRP A 139 0.49 11.20 -4.81
CA TRP A 139 1.62 10.57 -4.13
C TRP A 139 1.34 9.07 -4.11
N ILE A 140 2.36 8.26 -4.38
CA ILE A 140 2.22 6.81 -4.44
C ILE A 140 3.38 6.10 -3.71
N VAL A 141 3.06 5.07 -2.94
CA VAL A 141 4.09 4.15 -2.51
C VAL A 141 3.80 2.85 -3.24
N CYS A 142 4.83 2.23 -3.90
CA CYS A 142 4.65 0.92 -4.50
C CYS A 142 5.67 -0.04 -3.86
N ASN A 143 5.16 -1.20 -3.40
CA ASN A 143 5.97 -2.24 -2.80
C ASN A 143 5.84 -3.42 -3.76
N PHE A 144 6.95 -3.82 -4.43
CA PHE A 144 6.80 -4.90 -5.39
C PHE A 144 8.01 -5.83 -5.29
N SER A 145 7.76 -7.15 -5.34
CA SER A 145 8.81 -8.16 -5.20
C SER A 145 9.92 -7.99 -6.27
N VAL A 146 11.17 -8.22 -5.79
CA VAL A 146 12.38 -8.24 -6.63
C VAL A 146 13.28 -9.38 -6.14
N ASP A 147 14.24 -9.75 -7.00
CA ASP A 147 15.23 -10.73 -6.58
C ASP A 147 16.46 -10.01 -6.03
N HIS A 148 17.22 -10.67 -5.15
CA HIS A 148 18.39 -10.01 -4.61
C HIS A 148 19.36 -11.06 -4.10
N ASP A 149 20.65 -10.87 -4.41
CA ASP A 149 21.67 -11.87 -4.12
C ASP A 149 21.87 -12.03 -2.62
N SER A 150 21.55 -11.01 -1.81
CA SER A 150 21.68 -11.13 -0.37
C SER A 150 20.37 -11.50 0.30
N ALA A 151 19.49 -12.17 -0.44
CA ALA A 151 18.28 -12.70 0.15
C ALA A 151 18.64 -13.60 1.35
N PRO A 152 18.05 -13.42 2.55
CA PRO A 152 18.20 -14.38 3.66
C PRO A 152 17.76 -15.82 3.36
N LEU A 153 18.46 -16.82 3.93
CA LEU A 153 17.96 -18.18 3.97
C LEU A 153 17.03 -18.35 5.18
N ASN A 154 15.77 -18.74 4.94
CA ASN A 154 14.84 -18.90 6.06
C ASN A 154 14.00 -20.15 5.76
N ASN A 155 14.38 -21.32 6.32
CA ASN A 155 13.82 -22.59 5.87
C ASN A 155 12.37 -22.75 6.33
N ARG A 156 11.98 -22.00 7.36
CA ARG A 156 10.61 -22.12 7.82
C ARG A 156 9.64 -21.36 6.91
N CYS A 157 10.15 -20.60 5.92
CA CYS A 157 9.27 -19.69 5.14
C CYS A 157 9.19 -20.05 3.66
N VAL A 158 7.98 -19.93 3.05
CA VAL A 158 7.75 -19.97 1.61
C VAL A 158 7.80 -18.53 1.11
N ARG A 159 8.38 -18.32 -0.08
CA ARG A 159 8.58 -16.93 -0.50
C ARG A 159 7.32 -16.46 -1.23
N ALA A 160 6.64 -15.47 -0.68
CA ALA A 160 5.48 -14.87 -1.33
C ALA A 160 6.00 -13.77 -2.27
N LYS A 161 5.14 -13.33 -3.19
CA LYS A 161 5.47 -12.23 -4.07
C LYS A 161 4.35 -11.20 -3.98
N ILE A 162 4.71 -9.92 -3.96
CA ILE A 162 3.66 -8.91 -3.76
C ILE A 162 3.79 -7.80 -4.80
N ASN A 163 2.65 -7.17 -5.10
CA ASN A 163 2.66 -5.90 -5.78
C ASN A 163 1.56 -5.09 -5.11
N VAL A 164 1.99 -4.11 -4.33
CA VAL A 164 1.06 -3.31 -3.52
C VAL A 164 1.29 -1.85 -3.88
N ALA A 165 0.21 -1.04 -3.87
CA ALA A 165 0.43 0.38 -4.02
C ALA A 165 -0.56 1.14 -3.12
N MET A 166 -0.09 2.22 -2.51
CA MET A 166 -0.94 3.10 -1.72
C MET A 166 -0.94 4.38 -2.53
N ILE A 167 -2.09 4.75 -3.09
CA ILE A 167 -2.14 5.81 -4.08
C ILE A 167 -3.04 6.93 -3.55
N CYS A 168 -2.52 8.17 -3.45
CA CYS A 168 -3.28 9.19 -2.75
C CYS A 168 -3.36 10.47 -3.57
N GLN A 169 -4.57 11.04 -3.64
CA GLN A 169 -4.85 12.37 -4.19
C GLN A 169 -5.53 13.20 -3.11
N THR A 170 -5.17 14.49 -3.01
CA THR A 170 -5.56 15.30 -1.86
C THR A 170 -6.40 16.46 -2.38
N LEU A 171 -7.57 16.65 -1.78
CA LEU A 171 -8.47 17.74 -2.16
C LEU A 171 -8.47 18.75 -1.04
N VAL A 172 -8.37 20.04 -1.37
CA VAL A 172 -8.37 21.07 -0.35
C VAL A 172 -9.41 22.14 -0.69
N SER A 173 -9.93 22.83 0.34
CA SER A 173 -10.44 24.20 0.16
C SER A 173 -9.30 25.15 -0.21
N PRO A 174 -9.39 25.97 -1.28
CA PRO A 174 -8.28 26.90 -1.57
C PRO A 174 -8.04 27.90 -0.42
N PRO A 175 -6.84 28.52 -0.33
CA PRO A 175 -6.57 29.49 0.75
C PRO A 175 -7.36 30.78 0.47
N GLU A 176 -7.95 31.33 1.55
CA GLU A 176 -8.72 32.58 1.47
C GLU A 176 -7.75 33.74 1.73
N GLY A 177 -7.22 34.30 0.64
CA GLY A 177 -6.11 35.24 0.75
C GLY A 177 -5.01 34.68 1.66
N ASN A 178 -4.49 35.56 2.54
CA ASN A 178 -3.34 35.24 3.37
C ASN A 178 -3.79 34.50 4.63
N GLN A 179 -4.15 33.21 4.43
CA GLN A 179 -4.64 32.35 5.49
C GLN A 179 -4.41 30.91 5.04
N GLU A 180 -3.73 30.19 5.94
CA GLU A 180 -3.41 28.80 5.67
C GLU A 180 -4.68 27.96 5.54
N ILE A 181 -4.49 26.78 4.94
CA ILE A 181 -5.54 25.78 4.90
C ILE A 181 -5.51 25.00 6.22
N SER A 182 -6.67 24.88 6.86
CA SER A 182 -6.85 24.08 8.07
C SER A 182 -6.97 22.60 7.70
N ARG A 183 -6.58 21.72 8.64
CA ARG A 183 -6.73 20.29 8.41
C ARG A 183 -8.21 19.96 8.26
N ASP A 184 -9.10 20.84 8.77
CA ASP A 184 -10.53 20.59 8.62
C ASP A 184 -10.93 20.61 7.14
N ASN A 185 -10.15 21.26 6.28
CA ASN A 185 -10.57 21.43 4.91
C ASN A 185 -9.66 20.63 3.99
N ILE A 186 -9.07 19.55 4.52
CA ILE A 186 -8.32 18.72 3.58
C ILE A 186 -8.88 17.29 3.66
N LEU A 187 -8.81 16.59 2.52
CA LEU A 187 -9.33 15.22 2.43
C LEU A 187 -8.39 14.42 1.53
N CYS A 188 -7.96 13.26 2.04
CA CYS A 188 -7.04 12.43 1.28
C CYS A 188 -7.86 11.26 0.69
N LYS A 189 -7.85 11.17 -0.64
CA LYS A 189 -8.56 10.12 -1.34
C LYS A 189 -7.56 9.00 -1.64
N ILE A 190 -7.80 7.83 -1.05
CA ILE A 190 -6.86 6.74 -1.17
C ILE A 190 -7.43 5.68 -2.10
N THR A 191 -6.57 5.14 -2.97
CA THR A 191 -6.82 3.86 -3.61
C THR A 191 -5.66 2.95 -3.23
N TYR A 192 -6.00 1.83 -2.63
CA TYR A 192 -4.98 0.90 -2.14
C TYR A 192 -5.19 -0.40 -2.89
N VAL A 193 -4.15 -0.93 -3.54
CA VAL A 193 -4.28 -2.17 -4.28
C VAL A 193 -3.22 -3.16 -3.75
N ALA A 194 -3.61 -4.45 -3.68
CA ALA A 194 -2.70 -5.46 -3.14
C ALA A 194 -2.90 -6.77 -3.88
N ASN A 195 -1.82 -7.18 -4.55
CA ASN A 195 -1.83 -8.40 -5.35
C ASN A 195 -0.76 -9.25 -4.70
N VAL A 196 -1.20 -10.26 -3.95
CA VAL A 196 -0.26 -11.08 -3.17
C VAL A 196 -0.28 -12.50 -3.70
N ASN A 197 0.90 -13.00 -4.08
CA ASN A 197 1.01 -14.36 -4.53
C ASN A 197 1.62 -15.18 -3.39
N PRO A 198 0.85 -16.11 -2.75
CA PRO A 198 1.34 -16.84 -1.59
C PRO A 198 2.58 -17.66 -1.92
N GLY A 199 2.84 -17.93 -3.21
CA GLY A 199 4.10 -18.58 -3.60
C GLY A 199 4.14 -20.09 -3.34
N GLY A 200 2.98 -20.66 -3.12
CA GLY A 200 2.94 -22.06 -2.75
C GLY A 200 1.55 -22.33 -2.19
N TRP A 201 1.38 -23.54 -1.65
CA TRP A 201 0.09 -24.06 -1.19
C TRP A 201 -0.46 -23.22 -0.04
N ALA A 202 -1.75 -22.87 -0.11
CA ALA A 202 -2.41 -22.32 1.07
C ALA A 202 -3.89 -22.55 0.82
N PRO A 203 -4.72 -22.83 1.84
CA PRO A 203 -6.12 -23.11 1.52
C PRO A 203 -6.91 -21.85 1.21
N ALA A 204 -7.68 -21.95 0.12
CA ALA A 204 -8.34 -20.78 -0.44
C ALA A 204 -9.33 -20.15 0.55
N SER A 205 -10.16 -20.95 1.22
CA SER A 205 -11.14 -20.31 2.09
C SER A 205 -10.47 -19.52 3.25
N VAL A 206 -9.38 -20.05 3.79
CA VAL A 206 -8.71 -19.37 4.88
C VAL A 206 -8.13 -18.03 4.38
N LEU A 207 -7.41 -18.04 3.25
CA LEU A 207 -6.85 -16.79 2.73
C LEU A 207 -7.95 -15.76 2.54
N ARG A 208 -9.06 -16.20 1.97
CA ARG A 208 -10.20 -15.35 1.68
C ARG A 208 -10.80 -14.75 2.94
N ALA A 209 -10.88 -15.56 4.01
CA ALA A 209 -11.50 -15.09 5.21
C ALA A 209 -10.56 -14.10 5.87
N VAL A 210 -9.27 -14.40 5.79
CA VAL A 210 -8.29 -13.53 6.42
C VAL A 210 -8.23 -12.19 5.69
N ALA A 211 -8.20 -12.22 4.34
CA ALA A 211 -8.20 -10.96 3.59
C ALA A 211 -9.42 -10.13 3.97
N LYS A 212 -10.58 -10.79 3.98
CA LYS A 212 -11.83 -10.06 4.18
C LYS A 212 -11.86 -9.38 5.54
N ARG A 213 -11.24 -9.99 6.53
CA ARG A 213 -11.26 -9.39 7.86
C ARG A 213 -10.12 -8.39 8.02
N GLU A 214 -8.93 -8.74 7.51
CA GLU A 214 -7.74 -8.02 7.89
C GLU A 214 -7.48 -6.77 7.02
N TYR A 215 -7.87 -6.81 5.75
CA TYR A 215 -7.60 -5.62 4.96
C TYR A 215 -8.36 -4.40 5.51
N PRO A 216 -9.65 -4.52 5.82
CA PRO A 216 -10.37 -3.37 6.38
C PRO A 216 -9.77 -2.96 7.72
N LYS A 217 -9.36 -3.94 8.53
CA LYS A 217 -8.79 -3.57 9.81
C LYS A 217 -7.49 -2.80 9.59
N PHE A 218 -6.67 -3.26 8.64
CA PHE A 218 -5.42 -2.57 8.33
C PHE A 218 -5.70 -1.13 7.87
N LEU A 219 -6.64 -0.94 6.96
CA LEU A 219 -6.84 0.39 6.41
C LEU A 219 -7.37 1.33 7.50
N LYS A 220 -8.25 0.79 8.34
CA LYS A 220 -8.81 1.62 9.39
C LYS A 220 -7.71 2.03 10.38
N ARG A 221 -6.91 1.07 10.80
CA ARG A 221 -5.90 1.34 11.82
C ARG A 221 -4.82 2.28 11.29
N PHE A 222 -4.31 1.98 10.09
CA PHE A 222 -3.25 2.79 9.50
C PHE A 222 -3.74 4.22 9.29
N THR A 223 -4.91 4.43 8.66
CA THR A 223 -5.38 5.79 8.40
C THR A 223 -5.66 6.55 9.70
N SER A 224 -6.23 5.89 10.72
CA SER A 224 -6.42 6.52 12.04
C SER A 224 -5.10 6.95 12.64
N TYR A 225 -4.11 6.08 12.52
CA TYR A 225 -2.76 6.34 13.02
C TYR A 225 -2.18 7.58 12.35
N VAL A 226 -2.32 7.70 11.02
CA VAL A 226 -1.82 8.92 10.39
C VAL A 226 -2.57 10.16 10.91
N GLN A 227 -3.89 10.11 11.05
CA GLN A 227 -4.61 11.26 11.58
C GLN A 227 -4.11 11.58 12.99
N GLU A 228 -3.94 10.55 13.80
CA GLU A 228 -3.51 10.75 15.17
C GLU A 228 -2.12 11.42 15.23
N LYS A 229 -1.14 10.96 14.44
CA LYS A 229 0.24 11.44 14.48
C LYS A 229 0.38 12.85 13.89
N THR A 230 -0.53 13.24 12.98
CA THR A 230 -0.41 14.53 12.31
C THR A 230 -1.31 15.57 12.95
N ALA A 231 -2.26 15.16 13.83
CA ALA A 231 -3.10 16.17 14.45
C ALA A 231 -2.23 17.23 15.17
N GLY A 232 -2.61 18.51 15.01
CA GLY A 232 -1.86 19.58 15.65
C GLY A 232 -0.41 19.73 15.16
N LYS A 233 -0.05 19.13 14.03
CA LYS A 233 1.27 19.43 13.50
C LYS A 233 1.07 20.20 12.19
N PRO A 234 2.02 21.05 11.74
CA PRO A 234 1.91 21.71 10.44
C PRO A 234 1.65 20.68 9.34
N ILE A 235 0.75 21.04 8.43
CA ILE A 235 0.51 20.20 7.27
C ILE A 235 1.73 20.11 6.39
N LEU A 236 2.04 18.90 5.96
CA LEU A 236 3.05 18.72 4.92
C LEU A 236 2.32 18.32 3.65
N PHE A 237 2.18 19.27 2.73
CA PHE A 237 1.49 19.01 1.49
C PHE A 237 2.45 18.27 0.56
C2 9N3 B . -1.94 -11.85 3.16
C5 9N3 B . 0.46 -10.82 4.12
C4 9N3 B . 0.06 -12.14 4.48
C3 9N3 B . -1.15 -12.67 3.99
C6 9N3 B . -0.33 -9.98 3.23
C11 9N3 B . -0.72 -7.53 2.96
C10 9N3 B . 0.17 -8.61 2.97
C1 9N3 B . -1.57 -10.50 2.84
C8 9N3 B . 2.06 -6.93 2.63
C12 9N3 B . -0.23 -6.20 2.80
O2 9N3 B . 2.71 -3.83 1.70
O2 9N3 B . 2.89 -3.96 1.38
S1 9N3 B . 1.43 -4.10 2.50
S1 9N3 B . 1.74 -4.16 2.38
O1 9N3 B . 0.22 -3.33 2.23
O1 9N3 B . 0.52 -3.31 2.38
C20 9N3 B . 1.45 -3.95 4.33
C20 9N3 B . 2.31 -3.84 4.12
C21 9N3 B . -0.02 -4.10 4.76
C21 9N3 B . 3.00 -5.03 4.76
O3 9N3 B . -0.24 -4.18 6.19
O3 9N3 B . 4.37 -4.91 4.50
C7 9N3 B . 1.11 -5.88 2.60
C9 9N3 B . 1.57 -8.26 2.80
C22 9N3 B . -3.29 -12.39 2.68
C25 9N3 B . -3.91 -13.51 3.56
C24 9N3 B . -4.22 -11.16 2.81
C23 9N3 B . -3.13 -12.89 1.25
C13 9N3 B . 0.90 -13.05 5.37
C14 9N3 B . 1.87 -13.82 4.50
C18 9N3 B . 1.15 -14.84 3.66
C17 9N3 B . 0.83 -14.55 2.31
C16 9N3 B . 0.13 -15.54 1.61
N1 9N3 B . 0.78 -15.97 4.28
C19 9N3 B . 0.12 -16.92 3.59
C15 9N3 B . -0.22 -16.74 2.25
#